data_8VX7
#
_entry.id   8VX7
#
_cell.length_a   33.434
_cell.length_b   79.802
_cell.length_c   105.939
_cell.angle_alpha   90.00
_cell.angle_beta   90.00
_cell.angle_gamma   90.00
#
_symmetry.space_group_name_H-M   'P 21 21 21'
#
loop_
_entity.id
_entity.type
_entity.pdbx_description
1 polymer CID7
2 polymer MC1
3 water water
#
loop_
_entity_poly.entity_id
_entity_poly.type
_entity_poly.pdbx_seq_one_letter_code
_entity_poly.pdbx_strand_id
1 'polypeptide(L)'
;SMLEEIERLVLSGLLTGDKELLKKASELLKEEMEKLLEEGDLDALKKALQLAVNVADHNGDKELLAHAAEVIKRALDLAL
EAKDLQSAKYLASLALWIAKRAGDKELYAYLEEKIKKIIELAEEAGDRESLKILILLGIFIARDAGSEEVKAFVAEQLER
LL
;
A,B
2 'polypeptide(L)' (DPR)(MLE)(MEA)(DAL)(DPR)(MLE)(MEA)(DAL) C
#
# COMPACT_ATOMS: atom_id res chain seq x y z
N SER A 1 22.86 5.06 3.50
CA SER A 1 23.32 6.31 4.10
C SER A 1 22.98 7.50 3.20
N MET A 2 23.35 7.42 1.92
CA MET A 2 22.93 8.42 0.96
C MET A 2 21.40 8.42 0.82
N LEU A 3 20.78 7.26 0.97
CA LEU A 3 19.33 7.17 0.94
C LEU A 3 18.71 7.67 2.25
N GLU A 4 19.38 7.43 3.37
CA GLU A 4 18.88 7.92 4.65
C GLU A 4 18.87 9.44 4.68
N GLU A 5 19.85 10.08 4.04
CA GLU A 5 19.87 11.53 3.99
C GLU A 5 18.81 12.07 3.03
N ILE A 6 18.59 11.39 1.91
CA ILE A 6 17.52 11.77 1.00
C ILE A 6 16.18 11.68 1.71
N GLU A 7 15.97 10.62 2.49
CA GLU A 7 14.75 10.52 3.30
C GLU A 7 14.66 11.65 4.32
N ARG A 8 15.80 12.09 4.84
CA ARG A 8 15.79 13.22 5.77
C ARG A 8 15.35 14.51 5.08
N LEU A 9 15.53 14.59 3.77
CA LEU A 9 15.09 15.78 3.03
C LEU A 9 13.61 15.69 2.66
N VAL A 10 13.13 14.49 2.32
CA VAL A 10 11.73 14.32 1.98
C VAL A 10 10.84 14.52 3.21
N LEU A 11 11.26 14.00 4.36
CA LEU A 11 10.47 14.13 5.57
C LEU A 11 10.37 15.58 6.01
N SER A 12 11.49 16.30 6.01
CA SER A 12 11.47 17.70 6.39
C SER A 12 10.80 18.57 5.33
N GLY A 13 10.93 18.18 4.05
CA GLY A 13 10.31 18.96 3.00
C GLY A 13 8.80 18.85 2.99
N LEU A 14 8.29 17.64 3.23
CA LEU A 14 6.85 17.43 3.31
C LEU A 14 6.22 17.96 4.59
N LEU A 15 7.04 18.36 5.56
CA LEU A 15 6.53 18.88 6.83
C LEU A 15 6.37 20.40 6.79
N THR A 16 7.45 21.12 6.49
CA THR A 16 7.42 22.57 6.46
C THR A 16 6.80 23.14 5.18
N GLY A 17 6.36 22.29 4.27
CA GLY A 17 5.82 22.77 3.01
C GLY A 17 6.85 23.43 2.11
N ASP A 18 8.14 23.14 2.33
CA ASP A 18 9.21 23.74 1.55
C ASP A 18 9.22 23.11 0.16
N LYS A 19 8.70 23.86 -0.84
CA LYS A 19 8.70 23.37 -2.21
C LYS A 19 10.10 23.21 -2.77
N GLU A 20 11.09 23.93 -2.23
CA GLU A 20 12.46 23.78 -2.70
C GLU A 20 13.10 22.51 -2.16
N LEU A 21 12.74 22.09 -0.94
CA LEU A 21 13.30 20.86 -0.38
C LEU A 21 12.84 19.64 -1.18
N LEU A 22 11.57 19.64 -1.61
CA LEU A 22 11.08 18.51 -2.39
C LEU A 22 11.66 18.50 -3.80
N LYS A 23 11.95 19.68 -4.35
CA LYS A 23 12.58 19.73 -5.66
C LYS A 23 14.00 19.18 -5.62
N LYS A 24 14.74 19.50 -4.56
CA LYS A 24 16.10 18.99 -4.44
C LYS A 24 16.10 17.50 -4.08
N ALA A 25 15.17 17.07 -3.23
CA ALA A 25 15.11 15.67 -2.84
C ALA A 25 14.71 14.79 -4.03
N SER A 26 13.75 15.25 -4.84
CA SER A 26 13.32 14.46 -5.99
C SER A 26 14.43 14.36 -7.04
N GLU A 27 15.19 15.44 -7.23
CA GLU A 27 16.31 15.40 -8.17
C GLU A 27 17.40 14.44 -7.70
N LEU A 28 17.73 14.48 -6.40
CA LEU A 28 18.71 13.55 -5.86
C LEU A 28 18.18 12.13 -5.86
N LEU A 29 16.89 11.96 -5.59
CA LEU A 29 16.30 10.62 -5.60
C LEU A 29 16.24 10.04 -7.00
N LYS A 30 16.04 10.88 -8.01
CA LYS A 30 16.06 10.39 -9.38
C LYS A 30 17.47 9.92 -9.77
N GLU A 31 18.49 10.64 -9.32
CA GLU A 31 19.86 10.23 -9.62
C GLU A 31 20.27 9.02 -8.78
N GLU A 32 19.86 8.99 -7.51
CA GLU A 32 20.20 7.86 -6.64
C GLU A 32 19.56 6.57 -7.12
N MET A 33 18.40 6.67 -7.77
CA MET A 33 17.73 5.47 -8.29
C MET A 33 18.57 4.80 -9.37
N GLU A 34 19.16 5.59 -10.26
CA GLU A 34 20.03 5.02 -11.29
C GLU A 34 21.31 4.45 -10.72
N LYS A 35 21.67 4.82 -9.49
CA LYS A 35 22.87 4.27 -8.85
C LYS A 35 22.61 2.85 -8.34
N LEU A 36 21.62 2.68 -7.48
CA LEU A 36 21.32 1.36 -6.94
C LEU A 36 20.80 0.39 -8.00
N LEU A 37 20.45 0.89 -9.19
CA LEU A 37 20.03 -0.01 -10.26
C LEU A 37 21.21 -0.81 -10.78
N GLU A 38 22.39 -0.20 -10.86
CA GLU A 38 23.59 -0.90 -11.30
C GLU A 38 24.18 -1.80 -10.23
N GLU A 39 23.82 -1.59 -8.96
CA GLU A 39 24.29 -2.43 -7.87
C GLU A 39 23.36 -3.58 -7.55
N GLY A 40 22.12 -3.56 -8.06
CA GLY A 40 21.19 -4.63 -7.76
C GLY A 40 20.66 -4.62 -6.34
N ASP A 41 20.66 -3.47 -5.69
CA ASP A 41 20.16 -3.36 -4.31
C ASP A 41 18.64 -3.28 -4.36
N LEU A 42 17.99 -4.41 -4.10
CA LEU A 42 16.53 -4.47 -4.17
C LEU A 42 15.89 -3.90 -2.92
N ASP A 43 16.47 -4.16 -1.74
CA ASP A 43 15.86 -3.72 -0.49
C ASP A 43 15.82 -2.21 -0.39
N ALA A 44 16.94 -1.56 -0.71
CA ALA A 44 16.98 -0.09 -0.66
C ALA A 44 16.19 0.53 -1.80
N LEU A 45 16.05 -0.17 -2.93
CA LEU A 45 15.24 0.33 -4.01
C LEU A 45 13.76 0.33 -3.66
N LYS A 46 13.34 -0.56 -2.76
CA LYS A 46 11.95 -0.55 -2.30
C LYS A 46 11.66 0.70 -1.46
N LYS A 47 12.64 1.20 -0.72
CA LYS A 47 12.45 2.42 0.04
C LYS A 47 12.54 3.66 -0.84
N ALA A 48 13.47 3.66 -1.82
CA ALA A 48 13.60 4.79 -2.71
C ALA A 48 12.34 5.00 -3.53
N LEU A 49 11.81 3.93 -4.12
CA LEU A 49 10.58 4.04 -4.89
C LEU A 49 9.39 4.40 -4.01
N GLN A 50 9.42 3.96 -2.74
CA GLN A 50 8.38 4.37 -1.80
C GLN A 50 8.43 5.87 -1.54
N LEU A 51 9.64 6.42 -1.41
CA LEU A 51 9.77 7.86 -1.18
C LEU A 51 9.43 8.66 -2.44
N ALA A 52 9.80 8.15 -3.61
CA ALA A 52 9.49 8.85 -4.85
C ALA A 52 7.99 8.94 -5.06
N VAL A 53 7.27 7.84 -4.83
CA VAL A 53 5.83 7.85 -4.99
C VAL A 53 5.18 8.78 -3.98
N ASN A 54 5.70 8.79 -2.74
CA ASN A 54 5.15 9.67 -1.72
C ASN A 54 5.30 11.14 -2.07
N VAL A 55 6.38 11.50 -2.77
CA VAL A 55 6.57 12.89 -3.17
C VAL A 55 5.62 13.25 -4.31
N ALA A 56 5.54 12.40 -5.33
CA ALA A 56 4.67 12.67 -6.47
C ALA A 56 3.20 12.63 -6.08
N ASP A 57 2.85 11.89 -5.04
CA ASP A 57 1.46 11.84 -4.60
C ASP A 57 1.01 13.16 -3.99
N HIS A 58 1.95 13.94 -3.44
CA HIS A 58 1.60 15.17 -2.75
C HIS A 58 1.68 16.39 -3.67
N ASN A 59 2.78 16.55 -4.40
CA ASN A 59 2.97 17.70 -5.26
C ASN A 59 2.63 17.44 -6.73
N GLY A 60 2.24 16.21 -7.08
CA GLY A 60 1.84 15.91 -8.44
C GLY A 60 2.96 15.96 -9.45
N ASP A 61 4.18 15.62 -9.06
CA ASP A 61 5.34 15.67 -9.96
C ASP A 61 5.21 14.57 -11.01
N LYS A 62 4.77 14.95 -12.21
CA LYS A 62 4.66 13.97 -13.28
C LYS A 62 6.04 13.54 -13.79
N GLU A 63 7.05 14.40 -13.64
CA GLU A 63 8.40 14.05 -14.08
C GLU A 63 9.00 12.97 -13.19
N LEU A 64 8.97 13.18 -11.87
CA LEU A 64 9.44 12.16 -10.94
C LEU A 64 8.58 10.91 -11.00
N LEU A 65 7.28 11.07 -11.28
CA LEU A 65 6.40 9.92 -11.41
C LEU A 65 6.75 9.07 -12.63
N ALA A 66 7.05 9.72 -13.75
CA ALA A 66 7.41 8.97 -14.96
C ALA A 66 8.77 8.30 -14.80
N HIS A 67 9.70 8.96 -14.11
CA HIS A 67 11.00 8.35 -13.86
C HIS A 67 10.86 7.11 -12.97
N ALA A 68 9.93 7.16 -12.01
CA ALA A 68 9.69 6.01 -11.15
C ALA A 68 9.14 4.83 -11.94
N ALA A 69 8.34 5.10 -12.98
CA ALA A 69 7.79 4.03 -13.81
C ALA A 69 8.88 3.34 -14.61
N GLU A 70 9.97 4.05 -14.93
CA GLU A 70 11.06 3.43 -15.68
C GLU A 70 11.96 2.59 -14.79
N VAL A 71 12.27 3.07 -13.60
CA VAL A 71 13.14 2.30 -12.71
C VAL A 71 12.38 1.14 -12.08
N ILE A 72 11.07 1.26 -11.90
CA ILE A 72 10.31 0.14 -11.37
C ILE A 72 10.23 -0.98 -12.40
N LYS A 73 10.35 -0.65 -13.69
CA LYS A 73 10.44 -1.68 -14.71
C LYS A 73 11.75 -2.44 -14.61
N ARG A 74 12.84 -1.74 -14.33
CA ARG A 74 14.14 -2.39 -14.17
C ARG A 74 14.29 -3.05 -12.81
N ALA A 75 13.70 -2.46 -11.76
CA ALA A 75 13.80 -3.06 -10.44
C ALA A 75 12.99 -4.34 -10.35
N LEU A 76 11.81 -4.37 -10.98
CA LEU A 76 11.03 -5.59 -11.05
C LEU A 76 11.75 -6.67 -11.86
N ASP A 77 12.54 -6.25 -12.85
CA ASP A 77 13.30 -7.22 -13.64
C ASP A 77 14.31 -7.96 -12.79
N LEU A 78 15.01 -7.25 -11.90
CA LEU A 78 16.02 -7.87 -11.06
C LEU A 78 15.40 -8.82 -10.05
N ALA A 79 14.19 -8.52 -9.56
CA ALA A 79 13.54 -9.40 -8.59
C ALA A 79 13.14 -10.72 -9.22
N LEU A 80 12.77 -10.72 -10.51
CA LEU A 80 12.30 -11.94 -11.15
C LEU A 80 13.45 -12.92 -11.40
N GLU A 81 14.60 -12.42 -11.85
CA GLU A 81 15.75 -13.30 -12.03
C GLU A 81 16.35 -13.73 -10.69
N ALA A 82 16.11 -12.98 -9.63
CA ALA A 82 16.54 -13.34 -8.30
C ALA A 82 15.54 -14.23 -7.57
N LYS A 83 14.39 -14.49 -8.20
CA LYS A 83 13.34 -15.35 -7.63
C LYS A 83 12.88 -14.86 -6.25
N ASP A 84 12.91 -13.54 -6.05
CA ASP A 84 12.48 -12.94 -4.78
C ASP A 84 10.99 -12.69 -4.87
N LEU A 85 10.20 -13.58 -4.24
CA LEU A 85 8.75 -13.46 -4.32
C LEU A 85 8.24 -12.22 -3.61
N GLN A 86 8.76 -11.95 -2.41
CA GLN A 86 8.25 -10.84 -1.62
C GLN A 86 8.61 -9.50 -2.26
N SER A 87 9.81 -9.38 -2.81
CA SER A 87 10.19 -8.13 -3.47
C SER A 87 9.44 -7.95 -4.79
N ALA A 88 9.30 -9.03 -5.56
CA ALA A 88 8.56 -8.94 -6.81
C ALA A 88 7.09 -8.63 -6.57
N LYS A 89 6.54 -9.05 -5.43
CA LYS A 89 5.16 -8.75 -5.12
C LYS A 89 4.98 -7.27 -4.78
N TYR A 90 5.85 -6.73 -3.92
CA TYR A 90 5.75 -5.31 -3.58
C TYR A 90 6.08 -4.43 -4.78
N LEU A 91 7.05 -4.85 -5.60
CA LEU A 91 7.44 -4.04 -6.75
C LEU A 91 6.31 -3.96 -7.77
N ALA A 92 5.70 -5.11 -8.10
CA ALA A 92 4.62 -5.13 -9.08
C ALA A 92 3.36 -4.44 -8.54
N SER A 93 3.13 -4.52 -7.23
CA SER A 93 1.98 -3.85 -6.64
C SER A 93 2.13 -2.34 -6.73
N LEU A 94 3.30 -1.83 -6.36
CA LEU A 94 3.57 -0.40 -6.49
C LEU A 94 3.59 0.03 -7.94
N ALA A 95 3.99 -0.87 -8.85
CA ALA A 95 3.98 -0.55 -10.27
C ALA A 95 2.56 -0.31 -10.76
N LEU A 96 1.59 -1.06 -10.24
CA LEU A 96 0.20 -0.81 -10.59
C LEU A 96 -0.28 0.54 -10.06
N TRP A 97 0.21 0.95 -8.89
CA TRP A 97 -0.16 2.27 -8.37
C TRP A 97 0.32 3.37 -9.29
N ILE A 98 1.56 3.29 -9.77
CA ILE A 98 2.07 4.27 -10.72
C ILE A 98 1.36 4.13 -12.06
N ALA A 99 0.97 2.92 -12.43
CA ALA A 99 0.23 2.73 -13.67
C ALA A 99 -1.16 3.36 -13.59
N LYS A 100 -1.80 3.28 -12.42
CA LYS A 100 -3.12 3.86 -12.27
C LYS A 100 -3.06 5.38 -12.10
N ARG A 101 -2.04 5.86 -11.38
CA ARG A 101 -1.95 7.30 -11.12
C ARG A 101 -1.48 8.06 -12.36
N ALA A 102 -0.50 7.53 -13.09
CA ALA A 102 0.06 8.21 -14.25
C ALA A 102 -0.59 7.82 -15.56
N GLY A 103 -1.37 6.74 -15.60
CA GLY A 103 -1.97 6.30 -16.84
C GLY A 103 -0.98 5.89 -17.90
N ASP A 104 0.17 5.33 -17.49
CA ASP A 104 1.21 4.94 -18.44
C ASP A 104 0.82 3.63 -19.10
N LYS A 105 0.62 3.67 -20.43
CA LYS A 105 0.27 2.46 -21.16
C LYS A 105 1.47 1.54 -21.32
N GLU A 106 2.69 2.10 -21.28
CA GLU A 106 3.88 1.27 -21.41
C GLU A 106 4.10 0.41 -20.16
N LEU A 107 3.95 1.00 -18.97
CA LEU A 107 4.07 0.24 -17.74
C LEU A 107 2.94 -0.78 -17.61
N TYR A 108 1.77 -0.47 -18.15
CA TYR A 108 0.66 -1.43 -18.11
C TYR A 108 0.95 -2.65 -18.97
N ALA A 109 1.41 -2.42 -20.20
CA ALA A 109 1.74 -3.53 -21.09
C ALA A 109 2.92 -4.34 -20.56
N TYR A 110 3.85 -3.68 -19.85
CA TYR A 110 4.96 -4.40 -19.25
C TYR A 110 4.48 -5.34 -18.15
N LEU A 111 3.47 -4.92 -17.39
CA LEU A 111 2.91 -5.79 -16.36
C LEU A 111 2.16 -6.97 -16.96
N GLU A 112 1.65 -6.81 -18.19
CA GLU A 112 0.92 -7.90 -18.82
C GLU A 112 1.83 -9.07 -19.18
N GLU A 113 3.08 -8.80 -19.51
CA GLU A 113 4.02 -9.86 -19.86
C GLU A 113 4.68 -10.50 -18.65
N LYS A 114 4.80 -9.77 -17.54
CA LYS A 114 5.47 -10.29 -16.36
C LYS A 114 4.53 -10.93 -15.35
N ILE A 115 3.23 -10.62 -15.42
CA ILE A 115 2.28 -11.18 -14.47
C ILE A 115 2.26 -12.70 -14.55
N LYS A 116 2.54 -13.25 -15.74
CA LYS A 116 2.63 -14.71 -15.87
C LYS A 116 3.83 -15.26 -15.12
N LYS A 117 4.89 -14.47 -14.97
CA LYS A 117 6.09 -14.91 -14.26
C LYS A 117 6.05 -14.59 -12.77
N ILE A 118 5.41 -13.48 -12.37
CA ILE A 118 5.30 -13.17 -10.96
C ILE A 118 4.34 -14.14 -10.27
N ILE A 119 3.23 -14.48 -10.94
CA ILE A 119 2.30 -15.43 -10.36
C ILE A 119 2.91 -16.82 -10.30
N GLU A 120 3.62 -17.22 -11.35
CA GLU A 120 4.33 -18.51 -11.33
C GLU A 120 5.38 -18.54 -10.23
N LEU A 121 5.99 -17.39 -9.93
CA LEU A 121 6.94 -17.34 -8.82
C LEU A 121 6.25 -17.60 -7.49
N ALA A 122 5.02 -17.11 -7.33
CA ALA A 122 4.27 -17.40 -6.11
C ALA A 122 3.81 -18.85 -6.07
N GLU A 123 3.45 -19.41 -7.23
CA GLU A 123 3.04 -20.80 -7.28
C GLU A 123 4.23 -21.73 -7.07
N GLU A 124 5.39 -21.37 -7.63
CA GLU A 124 6.59 -22.17 -7.40
C GLU A 124 7.04 -22.11 -5.95
N ALA A 125 6.85 -20.95 -5.31
CA ALA A 125 7.18 -20.82 -3.90
C ALA A 125 6.14 -21.46 -2.99
N GLY A 126 4.95 -21.76 -3.52
CA GLY A 126 3.89 -22.38 -2.75
C GLY A 126 3.09 -21.45 -1.87
N ASP A 127 3.45 -20.17 -1.80
CA ASP A 127 2.76 -19.22 -0.93
C ASP A 127 1.41 -18.88 -1.55
N ARG A 128 0.35 -19.52 -1.05
CA ARG A 128 -0.99 -19.26 -1.56
C ARG A 128 -1.51 -17.90 -1.09
N GLU A 129 -1.11 -17.47 0.10
CA GLU A 129 -1.52 -16.15 0.59
C GLU A 129 -0.91 -15.05 -0.26
N SER A 130 0.39 -15.15 -0.56
CA SER A 130 1.01 -14.21 -1.47
C SER A 130 0.53 -14.38 -2.90
N LEU A 131 0.06 -15.58 -3.26
CA LEU A 131 -0.48 -15.78 -4.60
C LEU A 131 -1.79 -15.03 -4.77
N LYS A 132 -2.68 -15.09 -3.78
CA LYS A 132 -3.95 -14.38 -3.86
C LYS A 132 -3.76 -12.89 -4.11
N ILE A 133 -2.68 -12.32 -3.58
CA ILE A 133 -2.37 -10.92 -3.87
C ILE A 133 -2.00 -10.75 -5.33
N LEU A 134 -1.07 -11.59 -5.82
CA LEU A 134 -0.63 -11.47 -7.21
C LEU A 134 -1.75 -11.82 -8.19
N ILE A 135 -2.61 -12.77 -7.82
CA ILE A 135 -3.76 -13.10 -8.67
C ILE A 135 -4.71 -11.92 -8.76
N LEU A 136 -4.92 -11.22 -7.64
CA LEU A 136 -5.74 -10.01 -7.66
C LEU A 136 -5.07 -8.92 -8.49
N LEU A 137 -3.73 -8.83 -8.43
CA LEU A 137 -3.01 -7.87 -9.25
C LEU A 137 -3.21 -8.15 -10.73
N GLY A 138 -3.28 -9.43 -11.11
CA GLY A 138 -3.53 -9.78 -12.49
C GLY A 138 -4.92 -9.45 -12.95
N ILE A 139 -5.90 -9.46 -12.03
CA ILE A 139 -7.25 -9.05 -12.38
C ILE A 139 -7.30 -7.55 -12.62
N PHE A 140 -6.62 -6.76 -11.79
CA PHE A 140 -6.58 -5.32 -12.00
C PHE A 140 -5.86 -4.96 -13.29
N ILE A 141 -4.88 -5.77 -13.70
CA ILE A 141 -4.18 -5.52 -14.96
C ILE A 141 -5.10 -5.78 -16.15
N ALA A 142 -5.85 -6.89 -16.11
CA ALA A 142 -6.80 -7.18 -17.17
C ALA A 142 -8.01 -6.26 -17.13
N ARG A 143 -8.27 -5.62 -15.99
CA ARG A 143 -9.40 -4.71 -15.88
C ARG A 143 -9.08 -3.34 -16.46
N ASP A 144 -7.89 -2.82 -16.17
CA ASP A 144 -7.52 -1.48 -16.62
C ASP A 144 -7.07 -1.47 -18.09
N ALA A 145 -6.44 -2.54 -18.55
CA ALA A 145 -5.94 -2.62 -19.92
C ALA A 145 -6.53 -3.83 -20.62
N GLY A 146 -6.61 -3.74 -21.94
CA GLY A 146 -7.11 -4.84 -22.75
C GLY A 146 -6.17 -6.02 -22.75
N SER A 147 -6.36 -6.94 -21.80
CA SER A 147 -5.51 -8.12 -21.67
C SER A 147 -6.25 -9.32 -22.25
N GLU A 148 -5.84 -9.75 -23.44
CA GLU A 148 -6.44 -10.91 -24.08
C GLU A 148 -5.81 -12.22 -23.60
N GLU A 149 -4.49 -12.26 -23.47
CA GLU A 149 -3.79 -13.45 -23.01
C GLU A 149 -3.63 -13.51 -21.50
N VAL A 150 -3.95 -12.43 -20.79
CA VAL A 150 -3.77 -12.39 -19.34
C VAL A 150 -5.10 -12.65 -18.64
N LYS A 151 -6.20 -12.24 -19.28
CA LYS A 151 -7.52 -12.44 -18.67
C LYS A 151 -7.84 -13.92 -18.53
N ALA A 152 -7.46 -14.74 -19.52
CA ALA A 152 -7.67 -16.18 -19.44
C ALA A 152 -6.63 -16.86 -18.56
N PHE A 153 -5.51 -16.19 -18.28
CA PHE A 153 -4.49 -16.77 -17.41
C PHE A 153 -4.85 -16.62 -15.94
N VAL A 154 -5.30 -15.43 -15.55
CA VAL A 154 -5.70 -15.21 -14.16
C VAL A 154 -6.98 -15.95 -13.84
N ALA A 155 -7.86 -16.14 -14.83
CA ALA A 155 -9.10 -16.87 -14.59
C ALA A 155 -8.82 -18.34 -14.26
N GLU A 156 -7.95 -18.98 -15.05
CA GLU A 156 -7.61 -20.37 -14.78
C GLU A 156 -6.80 -20.51 -13.50
N GLN A 157 -6.03 -19.49 -13.14
CA GLN A 157 -5.23 -19.56 -11.91
C GLN A 157 -6.09 -19.44 -10.67
N LEU A 158 -7.24 -18.75 -10.77
CA LEU A 158 -8.11 -18.61 -9.62
C LEU A 158 -8.78 -19.93 -9.27
N GLU A 159 -9.13 -20.74 -10.27
CA GLU A 159 -9.74 -22.04 -10.01
C GLU A 159 -8.75 -22.98 -9.33
N ARG A 160 -7.51 -23.00 -9.81
CA ARG A 160 -6.48 -23.85 -9.23
C ARG A 160 -5.91 -23.30 -7.93
N LEU A 161 -6.24 -22.06 -7.57
CA LEU A 161 -5.73 -21.45 -6.34
C LEU A 161 -6.32 -22.13 -5.11
N MET B 2 -16.05 -17.68 6.32
CA MET B 2 -14.59 -17.77 6.33
C MET B 2 -13.97 -16.88 5.26
N LEU B 3 -12.87 -16.21 5.60
CA LEU B 3 -12.21 -15.33 4.64
C LEU B 3 -11.71 -16.10 3.42
N GLU B 4 -11.37 -17.39 3.59
CA GLU B 4 -10.82 -18.17 2.50
C GLU B 4 -11.81 -18.31 1.35
N GLU B 5 -13.11 -18.40 1.66
CA GLU B 5 -14.13 -18.45 0.63
C GLU B 5 -14.61 -17.06 0.22
N ILE B 6 -14.58 -16.10 1.15
CA ILE B 6 -14.87 -14.72 0.79
C ILE B 6 -13.86 -14.21 -0.23
N GLU B 7 -12.60 -14.61 -0.07
CA GLU B 7 -11.59 -14.30 -1.09
C GLU B 7 -12.01 -14.84 -2.45
N ARG B 8 -12.56 -16.06 -2.49
CA ARG B 8 -12.93 -16.66 -3.76
C ARG B 8 -14.07 -15.91 -4.45
N LEU B 9 -14.95 -15.28 -3.67
CA LEU B 9 -16.07 -14.56 -4.27
C LEU B 9 -15.65 -13.19 -4.80
N VAL B 10 -14.79 -12.48 -4.06
CA VAL B 10 -14.35 -11.16 -4.51
C VAL B 10 -13.54 -11.26 -5.80
N LEU B 11 -12.68 -12.27 -5.89
CA LEU B 11 -11.86 -12.42 -7.10
C LEU B 11 -12.70 -12.79 -8.30
N SER B 12 -13.71 -13.66 -8.11
CA SER B 12 -14.55 -14.07 -9.24
C SER B 12 -15.46 -12.93 -9.69
N GLY B 13 -15.99 -12.15 -8.75
CA GLY B 13 -16.86 -11.04 -9.12
C GLY B 13 -16.09 -9.89 -9.76
N LEU B 14 -14.90 -9.61 -9.26
CA LEU B 14 -14.09 -8.54 -9.85
C LEU B 14 -13.63 -8.89 -11.25
N LEU B 15 -13.43 -10.18 -11.54
CA LEU B 15 -12.91 -10.60 -12.84
C LEU B 15 -14.01 -10.66 -13.89
N THR B 16 -15.19 -11.18 -13.52
CA THR B 16 -16.30 -11.30 -14.45
C THR B 16 -17.24 -10.10 -14.43
N GLY B 17 -17.03 -9.16 -13.51
CA GLY B 17 -17.90 -8.00 -13.42
C GLY B 17 -19.25 -8.27 -12.81
N ASP B 18 -19.40 -9.39 -12.09
CA ASP B 18 -20.67 -9.76 -11.47
C ASP B 18 -20.91 -8.85 -10.26
N LYS B 19 -21.80 -7.88 -10.42
CA LYS B 19 -22.10 -6.96 -9.31
C LYS B 19 -22.86 -7.65 -8.19
N GLU B 20 -23.68 -8.66 -8.53
CA GLU B 20 -24.38 -9.41 -7.49
C GLU B 20 -23.42 -10.32 -6.73
N LEU B 21 -22.36 -10.79 -7.39
CA LEU B 21 -21.36 -11.60 -6.70
C LEU B 21 -20.62 -10.77 -5.66
N LEU B 22 -20.18 -9.56 -6.03
CA LEU B 22 -19.54 -8.67 -5.08
C LEU B 22 -20.51 -8.21 -4.00
N LYS B 23 -21.80 -8.04 -4.36
CA LYS B 23 -22.80 -7.70 -3.35
C LYS B 23 -22.92 -8.79 -2.31
N LYS B 24 -22.88 -10.06 -2.74
CA LYS B 24 -22.95 -11.17 -1.80
C LYS B 24 -21.72 -11.21 -0.89
N ALA B 25 -20.55 -10.88 -1.43
CA ALA B 25 -19.35 -10.85 -0.61
C ALA B 25 -19.40 -9.70 0.40
N SER B 26 -20.10 -8.61 0.07
CA SER B 26 -20.17 -7.48 0.98
C SER B 26 -20.95 -7.83 2.24
N GLU B 27 -22.02 -8.62 2.10
CA GLU B 27 -22.78 -9.03 3.28
C GLU B 27 -21.97 -10.01 4.12
N LEU B 28 -21.24 -10.92 3.47
CA LEU B 28 -20.40 -11.86 4.21
C LEU B 28 -19.23 -11.14 4.87
N LEU B 29 -18.68 -10.10 4.22
CA LEU B 29 -17.58 -9.36 4.81
C LEU B 29 -18.03 -8.57 6.02
N LYS B 30 -19.20 -7.94 5.96
CA LYS B 30 -19.71 -7.18 7.09
C LYS B 30 -19.95 -8.06 8.31
N GLU B 31 -20.33 -9.33 8.09
CA GLU B 31 -20.52 -10.25 9.20
C GLU B 31 -19.20 -10.89 9.64
N GLU B 32 -18.30 -11.15 8.70
CA GLU B 32 -17.04 -11.79 9.06
C GLU B 32 -16.10 -10.83 9.78
N MET B 33 -16.19 -9.53 9.48
CA MET B 33 -15.30 -8.57 10.12
C MET B 33 -15.62 -8.40 11.60
N GLU B 34 -16.91 -8.29 11.93
CA GLU B 34 -17.31 -8.18 13.33
C GLU B 34 -16.93 -9.43 14.11
N LYS B 35 -16.94 -10.59 13.46
CA LYS B 35 -16.54 -11.83 14.13
C LYS B 35 -15.03 -11.94 14.25
N LEU B 36 -14.29 -11.45 13.26
CA LEU B 36 -12.83 -11.49 13.32
C LEU B 36 -12.30 -10.58 14.42
N LEU B 37 -12.96 -9.45 14.66
CA LEU B 37 -12.55 -8.57 15.76
C LEU B 37 -12.85 -9.20 17.11
N GLU B 38 -13.96 -9.95 17.21
CA GLU B 38 -14.29 -10.64 18.45
C GLU B 38 -13.25 -11.71 18.77
N GLU B 39 -12.83 -12.48 17.76
CA GLU B 39 -11.83 -13.52 17.96
C GLU B 39 -10.45 -12.94 18.23
N GLY B 40 -10.17 -11.72 17.77
CA GLY B 40 -8.87 -11.12 17.94
C GLY B 40 -7.86 -11.45 16.86
N ASP B 41 -8.28 -12.12 15.80
CA ASP B 41 -7.38 -12.46 14.69
C ASP B 41 -7.09 -11.19 13.89
N LEU B 42 -5.98 -10.52 14.21
CA LEU B 42 -5.64 -9.27 13.54
C LEU B 42 -4.96 -9.50 12.19
N ASP B 43 -4.30 -10.64 11.99
CA ASP B 43 -3.72 -10.93 10.69
C ASP B 43 -4.80 -11.23 9.66
N ALA B 44 -5.82 -12.00 10.05
CA ALA B 44 -6.91 -12.30 9.12
C ALA B 44 -7.81 -11.08 8.92
N LEU B 45 -7.99 -10.25 9.95
CA LEU B 45 -8.80 -9.05 9.79
C LEU B 45 -8.17 -8.09 8.79
N LYS B 46 -6.84 -8.05 8.72
CA LYS B 46 -6.18 -7.20 7.72
C LYS B 46 -6.46 -7.70 6.31
N LYS B 47 -6.62 -9.01 6.12
CA LYS B 47 -7.00 -9.53 4.81
C LYS B 47 -8.45 -9.20 4.48
N ALA B 48 -9.35 -9.34 5.47
CA ALA B 48 -10.74 -8.97 5.25
C ALA B 48 -10.87 -7.48 4.99
N LEU B 49 -10.11 -6.66 5.73
CA LEU B 49 -10.12 -5.22 5.47
C LEU B 49 -9.60 -4.90 4.08
N GLN B 50 -8.57 -5.63 3.63
CA GLN B 50 -8.07 -5.45 2.28
C GLN B 50 -9.12 -5.82 1.24
N LEU B 51 -9.91 -6.86 1.52
CA LEU B 51 -10.99 -7.25 0.62
C LEU B 51 -12.14 -6.26 0.68
N ALA B 52 -12.42 -5.73 1.87
CA ALA B 52 -13.55 -4.82 2.03
C ALA B 52 -13.33 -3.54 1.23
N VAL B 53 -12.14 -2.95 1.32
CA VAL B 53 -11.84 -1.74 0.56
C VAL B 53 -11.63 -2.03 -0.92
N ASN B 54 -11.56 -3.30 -1.32
CA ASN B 54 -11.40 -3.64 -2.72
C ASN B 54 -12.74 -3.75 -3.44
N VAL B 55 -13.72 -4.40 -2.80
CA VAL B 55 -15.05 -4.47 -3.40
C VAL B 55 -15.76 -3.14 -3.30
N ALA B 56 -15.49 -2.36 -2.26
CA ALA B 56 -16.12 -1.07 -2.10
C ALA B 56 -15.63 -0.07 -3.14
N ASP B 57 -14.35 -0.13 -3.50
CA ASP B 57 -13.77 0.76 -4.50
C ASP B 57 -14.04 0.30 -5.94
N HIS B 58 -14.93 -0.67 -6.14
CA HIS B 58 -15.46 -0.95 -7.46
C HIS B 58 -16.98 -0.84 -7.48
N ASN B 59 -17.67 -1.51 -6.55
CA ASN B 59 -19.12 -1.45 -6.49
C ASN B 59 -19.64 -0.12 -5.97
N GLY B 60 -18.75 0.77 -5.51
CA GLY B 60 -19.17 2.06 -4.98
C GLY B 60 -19.93 1.93 -3.67
N ASP B 61 -19.40 1.13 -2.76
CA ASP B 61 -20.05 0.88 -1.48
C ASP B 61 -19.62 1.95 -0.48
N LYS B 62 -20.58 2.69 0.05
CA LYS B 62 -20.33 3.63 1.14
C LYS B 62 -20.67 3.05 2.50
N GLU B 63 -21.62 2.12 2.57
CA GLU B 63 -21.99 1.51 3.84
C GLU B 63 -20.94 0.51 4.30
N LEU B 64 -20.43 -0.32 3.38
CA LEU B 64 -19.41 -1.29 3.75
C LEU B 64 -18.05 -0.63 3.96
N LEU B 65 -17.74 0.41 3.16
CA LEU B 65 -16.50 1.14 3.36
C LEU B 65 -16.48 1.84 4.70
N ALA B 66 -17.60 2.44 5.10
CA ALA B 66 -17.69 3.03 6.44
C ALA B 66 -17.64 1.95 7.51
N HIS B 67 -18.20 0.76 7.23
CA HIS B 67 -18.09 -0.35 8.16
C HIS B 67 -16.64 -0.82 8.26
N ALA B 68 -15.92 -0.86 7.14
CA ALA B 68 -14.50 -1.18 7.18
C ALA B 68 -13.72 -0.11 7.92
N ALA B 69 -14.09 1.16 7.74
CA ALA B 69 -13.46 2.24 8.49
C ALA B 69 -13.83 2.20 9.97
N GLU B 70 -14.97 1.59 10.31
CA GLU B 70 -15.36 1.50 11.72
C GLU B 70 -14.59 0.40 12.44
N VAL B 71 -14.41 -0.76 11.81
CA VAL B 71 -13.64 -1.83 12.44
C VAL B 71 -12.15 -1.55 12.37
N ILE B 72 -11.70 -0.63 11.51
CA ILE B 72 -10.31 -0.19 11.54
C ILE B 72 -10.01 0.51 12.86
N LYS B 73 -10.92 1.41 13.29
CA LYS B 73 -10.74 2.08 14.56
C LYS B 73 -10.78 1.11 15.73
N ARG B 74 -11.58 0.05 15.61
CA ARG B 74 -11.62 -0.95 16.67
C ARG B 74 -10.38 -1.83 16.64
N ALA B 75 -9.91 -2.20 15.44
CA ALA B 75 -8.72 -3.03 15.34
C ALA B 75 -7.46 -2.28 15.74
N LEU B 76 -7.44 -0.96 15.58
CA LEU B 76 -6.28 -0.18 15.99
C LEU B 76 -6.11 -0.18 17.50
N ASP B 77 -7.23 -0.13 18.24
CA ASP B 77 -7.15 -0.16 19.69
C ASP B 77 -6.67 -1.49 20.20
N LEU B 78 -7.13 -2.59 19.60
CA LEU B 78 -6.64 -3.91 19.99
C LEU B 78 -5.16 -4.08 19.67
N ALA B 79 -4.73 -3.56 18.51
CA ALA B 79 -3.32 -3.59 18.17
C ALA B 79 -2.49 -2.73 19.11
N LEU B 80 -3.09 -1.68 19.69
CA LEU B 80 -2.40 -0.84 20.65
C LEU B 80 -2.34 -1.49 22.02
N GLU B 81 -3.41 -2.19 22.42
CA GLU B 81 -3.40 -2.89 23.69
C GLU B 81 -2.51 -4.12 23.68
N ALA B 82 -2.25 -4.68 22.50
CA ALA B 82 -1.41 -5.87 22.37
C ALA B 82 0.01 -5.54 21.91
N LYS B 83 0.33 -4.26 21.75
CA LYS B 83 1.65 -3.82 21.29
C LYS B 83 2.01 -4.42 19.93
N ASP B 84 1.00 -4.71 19.12
CA ASP B 84 1.19 -5.25 17.77
C ASP B 84 1.58 -4.10 16.86
N LEU B 85 2.88 -3.85 16.75
CA LEU B 85 3.36 -2.72 15.96
C LEU B 85 3.13 -2.95 14.46
N GLN B 86 3.31 -4.19 14.00
CA GLN B 86 3.09 -4.48 12.59
C GLN B 86 1.63 -4.36 12.21
N SER B 87 0.71 -4.65 13.15
CA SER B 87 -0.70 -4.45 12.87
C SER B 87 -1.09 -2.99 13.00
N ALA B 88 -0.74 -2.36 14.14
CA ALA B 88 -1.09 -0.96 14.35
C ALA B 88 -0.61 -0.07 13.21
N LYS B 89 0.56 -0.37 12.67
CA LYS B 89 1.04 0.37 11.50
C LYS B 89 0.16 0.11 10.28
N TYR B 90 -0.36 -1.10 10.14
CA TYR B 90 -1.23 -1.41 9.01
C TYR B 90 -2.61 -0.77 9.18
N LEU B 91 -3.19 -0.88 10.38
CA LEU B 91 -4.50 -0.28 10.62
C LEU B 91 -4.46 1.24 10.44
N ALA B 92 -3.43 1.88 10.99
CA ALA B 92 -3.34 3.34 10.89
C ALA B 92 -3.10 3.78 9.46
N SER B 93 -2.12 3.16 8.78
CA SER B 93 -1.84 3.52 7.40
C SER B 93 -3.04 3.25 6.50
N LEU B 94 -3.82 2.22 6.80
CA LEU B 94 -5.03 1.97 6.04
C LEU B 94 -6.09 3.03 6.34
N ALA B 95 -6.21 3.42 7.62
CA ALA B 95 -7.18 4.45 7.98
C ALA B 95 -6.92 5.77 7.25
N LEU B 96 -5.64 6.09 7.00
CA LEU B 96 -5.31 7.28 6.24
C LEU B 96 -5.71 7.15 4.77
N TRP B 97 -5.78 5.92 4.27
CA TRP B 97 -6.14 5.70 2.87
C TRP B 97 -7.57 6.15 2.59
N ILE B 98 -8.54 5.64 3.38
CA ILE B 98 -9.92 6.05 3.18
C ILE B 98 -10.12 7.50 3.58
N ALA B 99 -9.39 7.97 4.60
CA ALA B 99 -9.54 9.35 5.05
C ALA B 99 -9.06 10.35 4.01
N LYS B 100 -8.13 9.93 3.14
CA LYS B 100 -7.62 10.83 2.11
C LYS B 100 -8.55 10.90 0.91
N ARG B 101 -9.07 9.75 0.47
CA ARG B 101 -9.92 9.74 -0.72
C ARG B 101 -11.35 10.16 -0.41
N ALA B 102 -11.83 9.92 0.80
CA ALA B 102 -13.19 10.28 1.17
C ALA B 102 -13.27 11.58 1.96
N GLY B 103 -12.14 12.10 2.44
CA GLY B 103 -12.15 13.32 3.23
C GLY B 103 -12.94 13.19 4.52
N ASP B 104 -12.95 12.00 5.12
CA ASP B 104 -13.68 11.79 6.37
C ASP B 104 -12.98 12.51 7.51
N LYS B 105 -13.57 13.62 7.98
CA LYS B 105 -12.96 14.38 9.07
C LYS B 105 -12.95 13.58 10.37
N GLU B 106 -13.89 12.63 10.51
CA GLU B 106 -13.92 11.81 11.73
C GLU B 106 -12.73 10.85 11.77
N LEU B 107 -12.43 10.19 10.65
CA LEU B 107 -11.28 9.29 10.63
C LEU B 107 -9.97 10.04 10.76
N TYR B 108 -9.89 11.26 10.23
CA TYR B 108 -8.67 12.06 10.38
C TYR B 108 -8.49 12.51 11.82
N ALA B 109 -9.56 12.91 12.49
CA ALA B 109 -9.46 13.32 13.89
C ALA B 109 -9.10 12.16 14.80
N TYR B 110 -9.56 10.95 14.47
CA TYR B 110 -9.18 9.78 15.24
C TYR B 110 -7.69 9.48 15.12
N LEU B 111 -7.09 9.82 13.97
CA LEU B 111 -5.69 9.53 13.73
C LEU B 111 -4.75 10.48 14.46
N GLU B 112 -5.18 11.69 14.78
CA GLU B 112 -4.31 12.62 15.48
C GLU B 112 -4.03 12.14 16.89
N GLU B 113 -5.04 11.62 17.58
CA GLU B 113 -4.85 11.18 18.96
C GLU B 113 -4.08 9.86 19.04
N LYS B 114 -4.18 9.03 18.00
CA LYS B 114 -3.53 7.72 18.02
C LYS B 114 -2.11 7.75 17.51
N ILE B 115 -1.77 8.66 16.60
CA ILE B 115 -0.44 8.68 16.01
C ILE B 115 0.63 8.93 17.07
N LYS B 116 0.26 9.63 18.15
CA LYS B 116 1.22 9.84 19.25
C LYS B 116 1.55 8.51 19.92
N LYS B 117 0.53 7.78 20.38
CA LYS B 117 0.75 6.50 21.02
C LYS B 117 1.22 5.43 20.03
N ILE B 118 0.91 5.57 18.75
CA ILE B 118 1.34 4.59 17.76
C ILE B 118 2.82 4.78 17.44
N ILE B 119 3.27 6.03 17.30
CA ILE B 119 4.68 6.29 17.06
C ILE B 119 5.51 5.88 18.27
N GLU B 120 5.02 6.17 19.48
CA GLU B 120 5.73 5.78 20.69
C GLU B 120 5.87 4.26 20.81
N LEU B 121 4.93 3.51 20.20
CA LEU B 121 5.06 2.06 20.20
C LEU B 121 6.20 1.61 19.31
N ALA B 122 6.49 2.33 18.23
CA ALA B 122 7.59 1.98 17.35
C ALA B 122 8.93 2.35 17.97
N GLU B 123 9.00 3.47 18.68
CA GLU B 123 10.26 3.88 19.31
C GLU B 123 10.59 3.00 20.50
N GLU B 124 9.59 2.42 21.16
CA GLU B 124 9.84 1.55 22.29
C GLU B 124 10.41 0.20 21.86
N ALA B 125 10.02 -0.28 20.68
CA ALA B 125 10.50 -1.57 20.19
C ALA B 125 11.85 -1.46 19.48
N GLY B 126 12.32 -0.26 19.17
CA GLY B 126 13.59 -0.10 18.50
C GLY B 126 13.58 -0.34 17.01
N ASP B 127 12.40 -0.56 16.41
CA ASP B 127 12.30 -0.80 14.98
C ASP B 127 12.49 0.49 14.20
N ARG B 128 13.73 0.80 13.83
CA ARG B 128 14.02 2.05 13.11
C ARG B 128 13.44 2.06 11.70
N GLU B 129 13.21 0.90 11.09
CA GLU B 129 12.65 0.86 9.76
C GLU B 129 11.15 1.11 9.74
N SER B 130 10.48 0.98 10.88
CA SER B 130 9.04 1.18 10.97
C SER B 130 8.64 2.57 11.43
N LEU B 131 9.42 3.19 12.34
CA LEU B 131 9.07 4.53 12.79
C LEU B 131 9.32 5.57 11.70
N LYS B 132 10.25 5.31 10.79
CA LYS B 132 10.44 6.20 9.65
C LYS B 132 9.21 6.21 8.75
N ILE B 133 8.63 5.03 8.51
CA ILE B 133 7.33 4.97 7.85
C ILE B 133 6.27 5.61 8.71
N LEU B 134 6.34 5.37 10.02
CA LEU B 134 5.34 5.90 10.95
C LEU B 134 5.43 7.42 11.07
N ILE B 135 6.65 7.96 11.00
CA ILE B 135 6.82 9.41 11.04
C ILE B 135 6.17 10.04 9.82
N LEU B 136 6.39 9.45 8.64
CA LEU B 136 5.75 9.94 7.42
C LEU B 136 4.23 9.91 7.55
N LEU B 137 3.69 8.88 8.23
CA LEU B 137 2.27 8.84 8.51
C LEU B 137 1.84 10.01 9.39
N GLY B 138 2.71 10.46 10.29
CA GLY B 138 2.37 11.58 11.15
C GLY B 138 2.36 12.91 10.43
N ILE B 139 3.21 13.08 9.42
CA ILE B 139 3.24 14.33 8.68
C ILE B 139 1.95 14.52 7.88
N PHE B 140 1.55 13.48 7.15
CA PHE B 140 0.31 13.55 6.38
C PHE B 140 -0.90 13.78 7.30
N ILE B 141 -0.86 13.21 8.50
CA ILE B 141 -1.93 13.45 9.47
C ILE B 141 -1.96 14.92 9.87
N ALA B 142 -0.79 15.49 10.18
CA ALA B 142 -0.72 16.87 10.64
C ALA B 142 -0.86 17.87 9.50
N ARG B 143 -0.46 17.49 8.28
CA ARG B 143 -0.51 18.43 7.17
C ARG B 143 -1.88 18.46 6.50
N ASP B 144 -2.41 17.28 6.16
CA ASP B 144 -3.68 17.22 5.44
C ASP B 144 -4.89 17.52 6.32
N ALA B 145 -4.78 17.29 7.63
CA ALA B 145 -5.89 17.58 8.55
C ALA B 145 -5.75 18.93 9.24
N GLY B 146 -4.61 19.61 9.08
CA GLY B 146 -4.40 20.88 9.74
C GLY B 146 -4.40 20.78 11.25
N SER B 147 -3.46 20.00 11.79
CA SER B 147 -3.33 19.81 13.22
C SER B 147 -2.10 20.57 13.72
N GLU B 148 -2.32 21.54 14.62
CA GLU B 148 -1.22 22.35 15.12
C GLU B 148 -0.42 21.60 16.19
N GLU B 149 -1.10 20.90 17.10
CA GLU B 149 -0.40 20.16 18.14
C GLU B 149 0.30 18.93 17.60
N VAL B 150 -0.14 18.41 16.45
CA VAL B 150 0.53 17.25 15.85
C VAL B 150 1.71 17.67 14.99
N LYS B 151 1.66 18.85 14.36
CA LYS B 151 2.78 19.32 13.56
C LYS B 151 4.03 19.47 14.41
N ALA B 152 3.89 19.97 15.64
CA ALA B 152 5.04 20.11 16.53
C ALA B 152 5.50 18.78 17.09
N PHE B 153 4.62 17.77 17.11
CA PHE B 153 4.99 16.46 17.64
C PHE B 153 5.84 15.68 16.65
N VAL B 154 5.42 15.61 15.39
CA VAL B 154 6.19 14.90 14.38
C VAL B 154 7.49 15.64 14.07
N ALA B 155 7.48 16.96 14.21
CA ALA B 155 8.71 17.73 13.99
C ALA B 155 9.73 17.45 15.09
N GLU B 156 9.28 17.41 16.34
CA GLU B 156 10.18 17.11 17.45
C GLU B 156 10.75 15.70 17.36
N GLN B 157 9.94 14.75 16.88
CA GLN B 157 10.45 13.39 16.67
C GLN B 157 11.35 13.30 15.45
N LEU B 158 11.15 14.19 14.47
CA LEU B 158 12.01 14.18 13.29
C LEU B 158 13.41 14.69 13.62
N GLU B 159 13.52 15.67 14.53
CA GLU B 159 14.83 16.18 14.90
C GLU B 159 15.63 15.14 15.68
N ARG B 160 14.96 14.27 16.43
CA ARG B 160 15.65 13.22 17.17
C ARG B 160 16.09 12.06 16.29
N LEU B 161 15.74 12.07 15.01
CA LEU B 161 16.14 11.01 14.09
C LEU B 161 17.58 11.19 13.65
N DPR C 1 1.07 -3.48 -1.16
CA DPR C 1 -0.11 -4.33 -0.90
CB DPR C 1 0.37 -5.85 -0.89
CG DPR C 1 1.68 -5.91 -1.56
CD DPR C 1 2.22 -4.44 -1.46
C DPR C 1 -1.32 -4.03 -2.03
O DPR C 1 -0.98 -3.29 -2.94
N MLE C 2 -2.69 -4.52 -2.04
CN MLE C 2 -3.15 -5.43 -0.91
CA MLE C 2 -3.75 -4.16 -3.13
CB MLE C 2 -4.14 -5.31 -4.19
CG MLE C 2 -3.24 -5.42 -5.54
CD1 MLE C 2 -2.51 -6.79 -5.65
CD2 MLE C 2 -2.21 -4.27 -5.70
C MLE C 2 -5.10 -3.36 -2.43
O MLE C 2 -6.16 -3.98 -2.51
C1 MEA C 3 -6.32 -1.53 -1.20
N MEA C 3 -5.05 -2.09 -1.75
CA MEA C 3 -3.73 -1.25 -1.61
C MEA C 3 -3.31 -1.01 -0.01
O MEA C 3 -3.27 -2.05 0.68
CB MEA C 3 -3.77 0.10 -2.49
CG MEA C 3 -3.84 -0.07 -4.09
CD1 MEA C 3 -2.64 -0.07 -4.89
CE1 MEA C 3 -2.70 -0.22 -6.30
CZ MEA C 3 -3.94 -0.39 -6.96
CE2 MEA C 3 -5.14 -0.40 -6.19
CD2 MEA C 3 -5.07 -0.24 -4.77
N DAL C 4 -3.01 0.23 0.64
CA DAL C 4 -2.61 0.41 2.12
CB DAL C 4 -3.35 1.57 2.80
C DAL C 4 -1.08 0.65 2.30
O DAL C 4 -0.67 1.33 1.35
N DPR C 5 -0.21 0.17 3.42
CA DPR C 5 1.26 0.43 3.57
CB DPR C 5 1.68 0.01 5.02
CG DPR C 5 0.69 -0.97 5.51
CD DPR C 5 -0.59 -0.69 4.66
C DPR C 5 1.67 1.90 3.23
O DPR C 5 0.75 2.76 3.19
N MLE C 6 2.97 2.44 2.93
CN MLE C 6 4.16 1.57 2.91
CA MLE C 6 3.10 3.96 2.60
CB MLE C 6 3.64 4.82 3.79
CG MLE C 6 2.79 6.14 4.10
CD1 MLE C 6 2.38 6.33 5.60
CD2 MLE C 6 1.53 6.22 3.23
C MLE C 6 3.91 4.29 1.17
O MLE C 6 4.93 4.99 1.26
C1 MEA C 7 4.33 4.20 -1.29
N MEA C 7 3.52 3.83 -0.14
CA MEA C 7 2.31 2.97 -0.46
C MEA C 7 2.78 1.41 -0.68
O MEA C 7 3.91 1.15 -0.22
CB MEA C 7 1.41 3.58 -1.63
CG MEA C 7 0.64 4.91 -1.30
CD1 MEA C 7 -0.03 5.10 -0.05
CE1 MEA C 7 -0.72 6.29 0.26
CZ MEA C 7 -0.77 7.35 -0.67
CE2 MEA C 7 -0.11 7.19 -1.90
CD2 MEA C 7 0.58 5.99 -2.22
N DAL C 8 2.02 0.37 -1.31
CA DAL C 8 2.40 -1.06 -1.51
CB DAL C 8 2.98 -1.24 -2.94
C DAL C 8 1.09 -2.00 -1.19
O DAL C 8 0.04 -1.39 -0.93
#